data_3OF7
#
_entry.id   3OF7
#
_cell.length_a   103.510
_cell.length_b   75.131
_cell.length_c   92.019
_cell.angle_alpha   90.000
_cell.angle_beta   119.640
_cell.angle_gamma   90.000
#
_symmetry.space_group_name_H-M   'C 1 2 1'
#
loop_
_entity.id
_entity.type
_entity.pdbx_description
1 polymer 'Regulator of chromosome condensation'
2 water water
#
_entity_poly.entity_id   1
_entity_poly.type   'polypeptide(L)'
_entity_poly.pdbx_seq_one_letter_code
;MGHHHHHHMSHIINAQEDYKHMYLSVQPLDIFCWGTGSMCELGLGPLAKNKEVKRPRLNPFLPRDEAKIISFAVGGMHTL
ALDEESNVWSWGCNDVGALGRDTSNAKEQLKDMDADDSSDDEDGDLNELESTPAKIPRESFPPLAEGHKVVQLAATDNMS
CALFSNGEVYAWGTFRCNEGILGFYQDKIKIQKTPWKVPTFSKYNIVQLAPGKDHILFLDEEGMVFAWGNGQQNQLGRKV
MERFRLKTLDPRPFGLRHVKYIASGENHCFALTKDNKLVSWGLNQFGQCGVSEDVEDGALVTKPKRLALPDNVVIRSIAA
GEHHSLILSQDGDLYSCGRLDMFEVGIPKDNLPEYTYKDVHGKARAVPLPTKLNNVPKFKSVAAGSHHSVAVAQNGIAYS
WGFGETYAVGLGPFEDDTEVPTRIKNTATQDHNIILVGCGGQFSVSGGVKLSDEDAEKRADEMDDLEHHHHHH
;
_entity_poly.pdbx_strand_id   A
#
# COMPACT_ATOMS: atom_id res chain seq x y z
CA HIS A 8 2.24 18.14 25.22
C HIS A 8 3.39 19.11 24.95
N MET A 9 4.50 18.58 24.44
CA MET A 9 5.68 19.39 24.15
C MET A 9 5.56 20.19 22.85
N SER A 10 6.50 21.11 22.64
CA SER A 10 6.47 22.02 21.49
C SER A 10 7.06 21.39 20.21
N HIS A 11 7.58 20.18 20.32
CA HIS A 11 8.16 19.47 19.18
C HIS A 11 7.11 18.82 18.28
N ILE A 12 5.87 18.73 18.78
CA ILE A 12 4.78 18.06 18.06
C ILE A 12 4.38 18.80 16.79
N ILE A 13 4.49 18.10 15.65
CA ILE A 13 4.07 18.67 14.38
C ILE A 13 2.97 17.83 13.70
N ASN A 14 2.79 16.60 14.16
CA ASN A 14 1.79 15.67 13.59
C ASN A 14 0.76 15.17 14.58
N ALA A 15 -0.48 15.03 14.11
CA ALA A 15 -1.53 14.36 14.88
C ALA A 15 -2.14 13.22 14.06
N GLN A 16 -2.62 12.18 14.75
CA GLN A 16 -3.25 11.03 14.09
C GLN A 16 -4.42 11.48 13.21
N GLU A 17 -5.16 12.50 13.69
CA GLU A 17 -6.23 13.14 12.93
C GLU A 17 -5.82 13.63 11.53
N ASP A 18 -4.56 14.03 11.37
CA ASP A 18 -4.08 14.55 10.07
C ASP A 18 -4.16 13.52 8.94
N TYR A 19 -4.23 12.24 9.31
CA TYR A 19 -4.16 11.13 8.35
C TYR A 19 -5.47 10.38 8.16
N LYS A 20 -6.45 10.64 9.02
CA LYS A 20 -7.68 9.83 9.02
C LYS A 20 -8.45 9.85 7.70
N HIS A 21 -8.45 10.98 7.00
CA HIS A 21 -9.13 11.07 5.70
C HIS A 21 -8.56 10.08 4.67
N MET A 22 -7.27 9.77 4.78
CA MET A 22 -6.64 8.82 3.87
C MET A 22 -7.02 7.37 4.16
N TYR A 23 -7.33 7.09 5.42
CA TYR A 23 -7.46 5.69 5.84
C TYR A 23 -8.87 5.23 6.20
N LEU A 24 -9.65 6.11 6.83
CA LEU A 24 -10.95 5.72 7.35
C LEU A 24 -12.08 6.34 6.55
N SER A 25 -13.01 5.50 6.10
CA SER A 25 -14.22 5.97 5.48
C SER A 25 -15.26 6.25 6.56
N VAL A 26 -16.02 7.33 6.41
CA VAL A 26 -17.11 7.62 7.36
C VAL A 26 -18.26 6.62 7.16
N GLN A 27 -18.50 6.24 5.91
CA GLN A 27 -19.55 5.30 5.56
C GLN A 27 -18.99 3.89 5.46
N PRO A 28 -19.75 2.88 5.91
CA PRO A 28 -19.35 1.49 5.66
C PRO A 28 -19.37 1.22 4.14
N LEU A 29 -18.54 0.29 3.70
CA LEU A 29 -18.26 0.12 2.28
C LEU A 29 -18.64 -1.24 1.72
N ASP A 30 -19.12 -1.25 0.48
CA ASP A 30 -19.10 -2.46 -0.33
C ASP A 30 -17.62 -2.73 -0.66
N ILE A 31 -17.16 -3.94 -0.40
CA ILE A 31 -15.77 -4.33 -0.69
C ILE A 31 -15.71 -5.20 -1.96
N PHE A 32 -14.81 -4.86 -2.88
CA PHE A 32 -14.62 -5.59 -4.12
C PHE A 32 -13.20 -6.11 -4.21
N CYS A 33 -13.04 -7.31 -4.73
CA CYS A 33 -11.73 -7.94 -4.87
C CYS A 33 -11.59 -8.52 -6.26
N TRP A 34 -10.37 -8.49 -6.81
CA TRP A 34 -10.11 -9.05 -8.13
C TRP A 34 -8.63 -9.31 -8.36
N GLY A 35 -8.33 -10.09 -9.40
CA GLY A 35 -6.95 -10.47 -9.75
C GLY A 35 -6.75 -11.97 -9.48
N THR A 36 -5.57 -12.32 -8.99
CA THR A 36 -5.23 -13.73 -8.75
C THR A 36 -5.09 -14.00 -7.24
N GLY A 37 -5.73 -15.10 -6.80
CA GLY A 37 -5.77 -15.43 -5.39
C GLY A 37 -5.34 -16.86 -5.13
N SER A 38 -4.25 -17.28 -5.79
CA SER A 38 -3.73 -18.65 -5.65
C SER A 38 -3.24 -18.95 -4.23
N MET A 39 -3.00 -17.89 -3.46
CA MET A 39 -2.54 -18.01 -2.08
CA MET A 39 -2.55 -18.04 -2.07
C MET A 39 -3.59 -17.44 -1.12
N CYS A 40 -4.85 -17.47 -1.55
CA CYS A 40 -6.02 -17.02 -0.78
C CYS A 40 -6.21 -15.50 -0.70
N GLU A 41 -5.46 -14.75 -1.53
CA GLU A 41 -5.44 -13.27 -1.43
C GLU A 41 -6.77 -12.59 -1.67
N LEU A 42 -7.62 -13.20 -2.49
CA LEU A 42 -8.88 -12.57 -2.92
C LEU A 42 -9.93 -12.55 -1.83
N GLY A 43 -9.84 -13.46 -0.87
CA GLY A 43 -10.83 -13.55 0.19
C GLY A 43 -12.23 -13.78 -0.33
N LEU A 44 -12.33 -14.51 -1.43
CA LEU A 44 -13.63 -14.85 -2.01
C LEU A 44 -13.99 -16.32 -1.74
N GLY A 45 -13.34 -16.89 -0.73
CA GLY A 45 -13.63 -18.27 -0.33
C GLY A 45 -12.82 -19.31 -1.09
N PRO A 46 -13.07 -20.59 -0.77
CA PRO A 46 -12.22 -21.73 -1.16
C PRO A 46 -12.36 -22.25 -2.59
N LEU A 47 -13.45 -21.92 -3.27
CA LEU A 47 -13.76 -22.51 -4.59
C LEU A 47 -12.76 -22.14 -5.67
N ALA A 48 -12.38 -23.12 -6.50
CA ALA A 48 -11.35 -22.94 -7.51
C ALA A 48 -11.66 -21.79 -8.47
N LYS A 49 -12.92 -21.68 -8.89
CA LYS A 49 -13.37 -20.59 -9.77
C LYS A 49 -13.11 -19.21 -9.16
N ASN A 50 -13.03 -19.15 -7.82
CA ASN A 50 -12.86 -17.87 -7.13
C ASN A 50 -11.41 -17.53 -6.74
N LYS A 51 -10.45 -18.23 -7.35
CA LYS A 51 -9.03 -17.90 -7.13
C LYS A 51 -8.43 -17.14 -8.33
N GLU A 52 -9.26 -16.86 -9.32
CA GLU A 52 -8.89 -16.01 -10.46
C GLU A 52 -10.14 -15.25 -10.91
N VAL A 53 -10.08 -13.93 -10.78
CA VAL A 53 -11.25 -13.08 -10.92
C VAL A 53 -10.83 -11.83 -11.71
N LYS A 54 -11.37 -11.69 -12.91
CA LYS A 54 -10.83 -10.73 -13.88
C LYS A 54 -11.48 -9.35 -13.85
N ARG A 55 -12.51 -9.19 -13.01
CA ARG A 55 -13.21 -7.92 -12.81
C ARG A 55 -13.59 -7.78 -11.35
N PRO A 56 -13.71 -6.54 -10.83
CA PRO A 56 -14.09 -6.34 -9.43
C PRO A 56 -15.31 -7.16 -9.04
N ARG A 57 -15.16 -7.97 -8.00
CA ARG A 57 -16.20 -8.87 -7.55
C ARG A 57 -16.62 -8.46 -6.14
N LEU A 58 -17.91 -8.21 -5.95
CA LEU A 58 -18.42 -7.84 -4.63
C LEU A 58 -18.10 -8.96 -3.63
N ASN A 59 -17.45 -8.62 -2.52
CA ASN A 59 -17.05 -9.64 -1.56
C ASN A 59 -18.22 -9.95 -0.62
N PRO A 60 -18.78 -11.17 -0.72
CA PRO A 60 -19.98 -11.49 0.06
C PRO A 60 -19.70 -11.79 1.54
N PHE A 61 -18.43 -11.94 1.90
CA PHE A 61 -18.04 -12.20 3.30
C PHE A 61 -17.85 -10.91 4.09
N LEU A 62 -17.97 -9.78 3.41
CA LEU A 62 -17.83 -8.45 4.02
C LEU A 62 -19.03 -7.58 3.70
N PRO A 63 -20.26 -8.08 4.00
CA PRO A 63 -21.42 -7.29 3.56
C PRO A 63 -21.49 -5.96 4.30
N ARG A 64 -21.77 -4.90 3.53
CA ARG A 64 -21.78 -3.52 4.02
C ARG A 64 -22.70 -3.29 5.23
N ASP A 65 -23.81 -4.02 5.26
CA ASP A 65 -24.85 -3.83 6.30
CA ASP A 65 -24.83 -3.81 6.30
C ASP A 65 -24.55 -4.58 7.59
N GLU A 66 -23.58 -5.49 7.54
CA GLU A 66 -23.25 -6.32 8.70
C GLU A 66 -21.77 -6.24 9.10
N ALA A 67 -20.87 -6.57 8.16
CA ALA A 67 -19.44 -6.44 8.44
C ALA A 67 -19.06 -4.99 8.66
N LYS A 68 -19.65 -4.08 7.86
CA LYS A 68 -19.46 -2.63 8.02
C LYS A 68 -17.99 -2.22 8.00
N ILE A 69 -17.29 -2.68 6.98
CA ILE A 69 -15.89 -2.34 6.76
C ILE A 69 -15.74 -0.86 6.42
N ILE A 70 -14.83 -0.18 7.13
CA ILE A 70 -14.56 1.24 6.88
C ILE A 70 -13.07 1.55 6.53
N SER A 71 -12.22 0.52 6.55
CA SER A 71 -10.82 0.68 6.14
C SER A 71 -10.25 -0.66 5.74
N PHE A 72 -9.21 -0.65 4.93
CA PHE A 72 -8.45 -1.87 4.68
C PHE A 72 -7.03 -1.56 4.26
N ALA A 73 -6.14 -2.53 4.46
CA ALA A 73 -4.73 -2.37 4.13
C ALA A 73 -4.32 -3.62 3.41
N VAL A 74 -3.87 -3.47 2.16
CA VAL A 74 -3.55 -4.61 1.31
C VAL A 74 -2.04 -4.83 1.32
N GLY A 75 -1.62 -6.02 1.73
CA GLY A 75 -0.21 -6.42 1.67
C GLY A 75 0.08 -7.29 0.45
N GLY A 76 1.26 -7.89 0.42
CA GLY A 76 1.68 -8.68 -0.73
C GLY A 76 0.79 -9.88 -0.97
N MET A 77 0.51 -10.65 0.08
CA MET A 77 -0.24 -11.90 0.00
CA MET A 77 -0.27 -11.88 -0.03
C MET A 77 -1.37 -11.99 1.03
N HIS A 78 -1.63 -10.88 1.73
CA HIS A 78 -2.74 -10.85 2.70
C HIS A 78 -3.33 -9.45 2.83
N THR A 79 -4.52 -9.36 3.40
CA THR A 79 -5.20 -8.08 3.59
C THR A 79 -5.78 -8.01 4.99
N LEU A 80 -5.77 -6.81 5.54
CA LEU A 80 -6.42 -6.54 6.81
C LEU A 80 -7.54 -5.55 6.55
N ALA A 81 -8.66 -5.71 7.25
CA ALA A 81 -9.75 -4.74 7.17
C ALA A 81 -10.25 -4.36 8.56
N LEU A 82 -10.84 -3.17 8.64
CA LEU A 82 -11.33 -2.65 9.92
C LEU A 82 -12.80 -2.31 9.81
N ASP A 83 -13.57 -2.68 10.83
CA ASP A 83 -14.99 -2.36 10.84
C ASP A 83 -15.33 -1.22 11.80
N GLU A 84 -16.61 -0.86 11.86
CA GLU A 84 -17.07 0.24 12.70
C GLU A 84 -16.75 0.06 14.19
N GLU A 85 -16.74 -1.19 14.67
CA GLU A 85 -16.44 -1.40 16.08
CA GLU A 85 -16.46 -1.54 16.06
C GLU A 85 -14.95 -1.69 16.30
N SER A 86 -14.15 -1.35 15.30
CA SER A 86 -12.70 -1.50 15.33
C SER A 86 -12.20 -2.95 15.48
N ASN A 87 -12.98 -3.91 15.02
CA ASN A 87 -12.47 -5.28 14.86
C ASN A 87 -11.60 -5.35 13.62
N VAL A 88 -10.54 -6.14 13.71
CA VAL A 88 -9.65 -6.38 12.57
C VAL A 88 -9.97 -7.70 11.89
N TRP A 89 -10.26 -7.61 10.59
CA TRP A 89 -10.52 -8.77 9.75
C TRP A 89 -9.25 -9.04 8.93
N SER A 90 -9.05 -10.30 8.57
CA SER A 90 -7.89 -10.68 7.76
C SER A 90 -8.22 -11.84 6.84
N TRP A 91 -7.53 -11.88 5.70
CA TRP A 91 -7.56 -13.03 4.80
C TRP A 91 -6.32 -13.02 3.94
N GLY A 92 -5.99 -14.18 3.39
CA GLY A 92 -4.78 -14.35 2.59
C GLY A 92 -3.91 -15.44 3.16
N CYS A 93 -2.61 -15.35 2.87
CA CYS A 93 -1.68 -16.40 3.24
C CYS A 93 -1.27 -16.34 4.72
N ASN A 94 -1.53 -17.43 5.44
CA ASN A 94 -1.18 -17.51 6.85
C ASN A 94 0.05 -18.37 7.15
N ASP A 95 0.85 -18.66 6.13
CA ASP A 95 1.99 -19.57 6.29
CA ASP A 95 2.00 -19.57 6.28
C ASP A 95 2.98 -19.10 7.37
N VAL A 96 3.11 -17.79 7.53
CA VAL A 96 4.00 -17.24 8.57
C VAL A 96 3.29 -16.28 9.55
N GLY A 97 2.02 -16.58 9.82
CA GLY A 97 1.26 -15.90 10.87
C GLY A 97 0.61 -14.56 10.52
N ALA A 98 0.70 -14.11 9.27
CA ALA A 98 0.26 -12.75 8.93
C ALA A 98 -1.22 -12.45 9.21
N LEU A 99 -2.07 -13.47 9.21
CA LEU A 99 -3.50 -13.24 9.43
C LEU A 99 -3.84 -12.97 10.89
N GLY A 100 -2.91 -13.33 11.78
CA GLY A 100 -3.09 -13.10 13.23
C GLY A 100 -4.24 -13.86 13.86
N ARG A 101 -4.57 -15.00 13.27
CA ARG A 101 -5.69 -15.83 13.73
C ARG A 101 -5.49 -17.29 13.34
N ASP A 102 -6.11 -18.19 14.09
CA ASP A 102 -5.97 -19.63 13.86
C ASP A 102 -6.69 -20.07 12.60
N THR A 103 -5.95 -20.59 11.63
CA THR A 103 -6.52 -21.12 10.39
C THR A 103 -6.16 -22.60 10.18
N SER A 104 -5.76 -23.27 11.25
CA SER A 104 -5.31 -24.68 11.16
C SER A 104 -6.48 -25.64 11.04
N LEU A 126 -8.92 -24.01 -2.22
CA LEU A 126 -8.13 -23.21 -1.28
C LEU A 126 -8.49 -23.56 0.16
N ASN A 127 -7.56 -23.29 1.08
CA ASN A 127 -7.84 -23.41 2.51
C ASN A 127 -9.03 -22.50 2.83
N GLU A 128 -10.08 -23.06 3.44
CA GLU A 128 -11.33 -22.31 3.65
C GLU A 128 -11.17 -21.17 4.65
N LEU A 129 -10.45 -21.43 5.73
CA LEU A 129 -10.26 -20.41 6.75
C LEU A 129 -9.43 -19.22 6.25
N GLU A 130 -8.39 -19.50 5.46
CA GLU A 130 -7.49 -18.45 4.95
C GLU A 130 -8.15 -17.63 3.83
N SER A 131 -8.92 -18.29 2.98
CA SER A 131 -9.58 -17.62 1.86
C SER A 131 -10.90 -16.94 2.23
N THR A 132 -11.34 -17.14 3.48
CA THR A 132 -12.58 -16.51 3.95
C THR A 132 -12.26 -15.45 4.98
N PRO A 133 -12.60 -14.18 4.68
CA PRO A 133 -12.38 -13.08 5.62
C PRO A 133 -13.07 -13.39 6.93
N ALA A 134 -12.36 -13.17 8.03
CA ALA A 134 -12.92 -13.39 9.36
C ALA A 134 -12.22 -12.48 10.36
N LYS A 135 -12.86 -12.27 11.51
CA LYS A 135 -12.32 -11.37 12.53
C LYS A 135 -11.24 -12.03 13.36
N ILE A 136 -10.18 -11.27 13.63
CA ILE A 136 -9.22 -11.61 14.67
C ILE A 136 -9.96 -11.44 16.00
N PRO A 137 -9.83 -12.43 16.91
CA PRO A 137 -10.50 -12.30 18.21
C PRO A 137 -10.21 -10.96 18.89
N ARG A 138 -11.27 -10.34 19.40
CA ARG A 138 -11.16 -9.02 20.00
C ARG A 138 -10.18 -8.99 21.18
N GLU A 139 -10.10 -10.10 21.91
CA GLU A 139 -9.23 -10.23 23.07
C GLU A 139 -7.76 -10.12 22.69
N SER A 140 -7.45 -10.42 21.43
CA SER A 140 -6.08 -10.30 20.90
C SER A 140 -5.57 -8.86 20.91
N PHE A 141 -6.49 -7.90 21.04
CA PHE A 141 -6.13 -6.48 21.11
C PHE A 141 -6.61 -5.86 22.42
N PRO A 142 -5.80 -5.97 23.50
CA PRO A 142 -6.17 -5.34 24.78
C PRO A 142 -6.59 -3.86 24.74
N PRO A 143 -5.99 -3.02 23.86
CA PRO A 143 -6.49 -1.64 23.88
C PRO A 143 -7.99 -1.48 23.60
N LEU A 144 -8.61 -2.43 22.91
CA LEU A 144 -10.01 -2.32 22.54
C LEU A 144 -10.94 -2.34 23.76
N ALA A 145 -10.62 -3.19 24.73
CA ALA A 145 -11.37 -3.28 25.98
C ALA A 145 -11.24 -2.02 26.83
N GLU A 146 -10.16 -1.26 26.60
CA GLU A 146 -9.93 0.02 27.29
C GLU A 146 -10.58 1.19 26.56
N GLY A 147 -11.29 0.91 25.47
CA GLY A 147 -11.98 1.95 24.70
C GLY A 147 -11.13 2.63 23.65
N HIS A 148 -9.92 2.14 23.41
CA HIS A 148 -9.10 2.66 22.31
C HIS A 148 -9.53 1.99 21.02
N LYS A 149 -9.17 2.61 19.90
CA LYS A 149 -9.55 2.11 18.58
C LYS A 149 -8.38 2.09 17.62
N VAL A 150 -8.47 1.25 16.59
CA VAL A 150 -7.47 1.25 15.51
C VAL A 150 -7.71 2.47 14.61
N VAL A 151 -6.63 3.18 14.29
CA VAL A 151 -6.74 4.31 13.36
C VAL A 151 -6.07 4.03 12.02
N GLN A 152 -5.19 3.03 11.98
CA GLN A 152 -4.58 2.61 10.71
C GLN A 152 -4.12 1.15 10.76
N LEU A 153 -4.34 0.44 9.65
CA LEU A 153 -3.81 -0.90 9.47
C LEU A 153 -2.68 -0.85 8.43
N ALA A 154 -1.75 -1.80 8.51
CA ALA A 154 -0.68 -1.91 7.52
C ALA A 154 -0.28 -3.36 7.33
N ALA A 155 -0.04 -3.73 6.08
CA ALA A 155 0.30 -5.10 5.78
C ALA A 155 1.45 -5.08 4.78
N THR A 156 2.50 -5.83 5.11
CA THR A 156 3.60 -6.08 4.20
C THR A 156 3.33 -7.42 3.49
N ASP A 157 4.35 -8.03 2.92
CA ASP A 157 4.18 -9.37 2.33
C ASP A 157 3.81 -10.38 3.42
N ASN A 158 4.48 -10.29 4.57
CA ASN A 158 4.46 -11.33 5.60
C ASN A 158 4.15 -10.83 7.03
N MET A 159 4.00 -9.52 7.21
CA MET A 159 3.69 -8.95 8.53
C MET A 159 2.50 -8.02 8.52
N SER A 160 1.94 -7.82 9.70
CA SER A 160 0.72 -7.05 9.87
C SER A 160 0.92 -6.10 11.03
N CYS A 161 0.26 -4.95 10.96
CA CYS A 161 0.42 -3.92 11.97
C CYS A 161 -0.88 -3.15 12.16
N ALA A 162 -1.20 -2.87 13.43
CA ALA A 162 -2.34 -2.02 13.75
C ALA A 162 -1.88 -0.88 14.65
N LEU A 163 -2.19 0.33 14.23
CA LEU A 163 -1.89 1.53 15.01
C LEU A 163 -3.12 1.98 15.78
N PHE A 164 -2.99 2.15 17.09
CA PHE A 164 -4.13 2.50 17.94
C PHE A 164 -4.18 3.98 18.27
N SER A 165 -5.36 4.45 18.64
CA SER A 165 -5.59 5.87 18.93
C SER A 165 -4.79 6.37 20.12
N ASN A 166 -4.28 5.45 20.94
CA ASN A 166 -3.42 5.84 22.06
C ASN A 166 -1.93 5.77 21.73
N GLY A 167 -1.60 5.60 20.45
CA GLY A 167 -0.21 5.59 20.00
C GLY A 167 0.48 4.23 20.04
N GLU A 168 -0.21 3.23 20.55
CA GLU A 168 0.34 1.87 20.66
C GLU A 168 0.29 1.13 19.32
N VAL A 169 1.27 0.26 19.10
CA VAL A 169 1.39 -0.51 17.87
C VAL A 169 1.34 -2.01 18.18
N TYR A 170 0.41 -2.71 17.54
CA TYR A 170 0.38 -4.17 17.60
C TYR A 170 0.85 -4.73 16.27
N ALA A 171 1.68 -5.77 16.33
CA ALA A 171 2.29 -6.34 15.14
C ALA A 171 2.28 -7.86 15.21
N TRP A 172 2.27 -8.49 14.04
CA TRP A 172 2.33 -9.96 13.94
C TRP A 172 2.81 -10.40 12.55
N GLY A 173 3.15 -11.69 12.44
CA GLY A 173 3.70 -12.24 11.20
C GLY A 173 5.21 -12.33 11.31
N THR A 174 5.92 -11.99 10.23
CA THR A 174 7.38 -12.04 10.20
C THR A 174 7.93 -11.17 9.08
N PHE A 175 9.24 -10.98 9.05
CA PHE A 175 9.91 -10.40 7.88
C PHE A 175 10.76 -11.46 7.19
N ARG A 176 10.57 -11.57 5.89
CA ARG A 176 11.46 -12.36 5.07
C ARG A 176 12.60 -11.51 4.52
N CYS A 177 13.55 -12.17 3.89
CA CYS A 177 14.65 -11.54 3.20
C CYS A 177 14.89 -12.35 1.91
N ASN A 178 15.92 -11.99 1.16
CA ASN A 178 16.18 -12.62 -0.15
C ASN A 178 16.18 -14.15 -0.13
N GLU A 179 16.61 -14.74 0.99
CA GLU A 179 16.89 -16.18 1.05
C GLU A 179 15.99 -17.00 1.98
N GLY A 180 15.17 -16.33 2.79
CA GLY A 180 14.21 -17.04 3.64
C GLY A 180 13.60 -16.12 4.68
N ILE A 181 13.29 -16.69 5.83
CA ILE A 181 12.75 -15.90 6.96
C ILE A 181 13.90 -15.22 7.70
N LEU A 182 13.81 -13.90 7.84
CA LEU A 182 14.74 -13.16 8.69
C LEU A 182 14.29 -13.35 10.14
N GLY A 183 13.07 -12.92 10.44
CA GLY A 183 12.51 -13.02 11.79
C GLY A 183 11.53 -11.90 12.04
N PHE A 184 11.04 -11.81 13.27
CA PHE A 184 10.03 -10.82 13.62
C PHE A 184 10.59 -9.75 14.55
N TYR A 185 11.06 -10.16 15.72
CA TYR A 185 11.59 -9.19 16.69
C TYR A 185 12.93 -9.63 17.27
N GLN A 186 13.97 -8.85 16.99
CA GLN A 186 15.34 -9.15 17.41
C GLN A 186 15.66 -10.64 17.20
N ASP A 187 16.29 -11.26 18.19
CA ASP A 187 16.56 -12.69 18.13
CA ASP A 187 16.58 -12.69 18.18
C ASP A 187 15.60 -13.41 19.09
N LYS A 188 14.49 -12.77 19.39
CA LYS A 188 13.54 -13.29 20.38
C LYS A 188 12.31 -13.98 19.79
N ILE A 189 11.77 -13.43 18.70
CA ILE A 189 10.61 -14.02 18.03
C ILE A 189 10.91 -14.16 16.54
N LYS A 190 10.76 -15.37 16.03
CA LYS A 190 10.96 -15.67 14.61
C LYS A 190 9.67 -15.39 13.82
N ILE A 191 8.58 -16.00 14.27
CA ILE A 191 7.23 -15.84 13.68
C ILE A 191 6.24 -15.53 14.80
N GLN A 192 5.51 -14.43 14.66
CA GLN A 192 4.50 -14.01 15.63
C GLN A 192 3.10 -14.30 15.10
N LYS A 193 2.44 -15.33 15.64
CA LYS A 193 1.17 -15.81 15.10
C LYS A 193 -0.07 -15.03 15.56
N THR A 194 0.05 -14.30 16.66
CA THR A 194 -1.04 -13.49 17.18
C THR A 194 -0.57 -12.05 17.38
N PRO A 195 -1.50 -11.06 17.33
CA PRO A 195 -1.12 -9.67 17.59
C PRO A 195 -0.31 -9.51 18.88
N TRP A 196 0.72 -8.68 18.81
CA TRP A 196 1.72 -8.55 19.88
C TRP A 196 2.11 -7.09 20.01
N LYS A 197 2.12 -6.59 21.26
CA LYS A 197 2.46 -5.21 21.51
C LYS A 197 3.94 -4.96 21.28
N VAL A 198 4.24 -4.01 20.40
CA VAL A 198 5.61 -3.67 20.10
C VAL A 198 6.11 -2.75 21.22
N PRO A 199 7.22 -3.13 21.89
CA PRO A 199 7.77 -2.27 22.95
C PRO A 199 7.99 -0.84 22.46
N THR A 200 7.58 0.12 23.29
CA THR A 200 7.67 1.54 22.97
C THR A 200 9.06 1.91 22.44
N PHE A 201 9.11 2.64 21.35
CA PHE A 201 10.38 3.00 20.73
C PHE A 201 10.47 4.49 20.47
N SER A 202 9.54 5.24 21.04
CA SER A 202 9.59 6.70 20.97
C SER A 202 8.97 7.33 22.21
N LYS A 203 9.37 8.57 22.50
CA LYS A 203 8.79 9.36 23.57
C LYS A 203 7.49 10.03 23.09
N TYR A 204 7.21 9.89 21.79
CA TYR A 204 6.02 10.46 21.18
C TYR A 204 5.12 9.36 20.65
N ASN A 205 3.84 9.69 20.48
CA ASN A 205 2.88 8.75 19.90
C ASN A 205 3.20 8.50 18.42
N ILE A 206 3.02 7.27 17.99
CA ILE A 206 3.09 6.95 16.56
C ILE A 206 1.80 7.45 15.90
N VAL A 207 1.96 8.11 14.75
CA VAL A 207 0.83 8.75 14.05
C VAL A 207 0.52 8.15 12.67
N GLN A 208 1.51 7.48 12.07
CA GLN A 208 1.33 6.93 10.72
C GLN A 208 2.24 5.74 10.44
N LEU A 209 1.72 4.81 9.64
CA LEU A 209 2.47 3.62 9.20
C LEU A 209 2.74 3.68 7.71
N ALA A 210 3.82 3.05 7.26
CA ALA A 210 4.04 2.83 5.82
C ALA A 210 4.69 1.47 5.58
N PRO A 211 3.90 0.47 5.13
CA PRO A 211 4.43 -0.88 4.90
C PRO A 211 5.16 -1.04 3.58
N GLY A 212 6.26 -1.79 3.61
CA GLY A 212 6.92 -2.19 2.37
C GLY A 212 6.67 -3.65 2.09
N LYS A 213 7.65 -4.31 1.49
CA LYS A 213 7.58 -5.75 1.23
CA LYS A 213 7.58 -5.74 1.22
C LYS A 213 7.96 -6.54 2.48
N ASP A 214 9.13 -6.24 3.03
CA ASP A 214 9.60 -6.92 4.26
C ASP A 214 10.23 -5.94 5.25
N HIS A 215 9.65 -4.75 5.30
CA HIS A 215 9.98 -3.74 6.29
C HIS A 215 8.75 -2.87 6.47
N ILE A 216 8.72 -2.13 7.56
CA ILE A 216 7.66 -1.17 7.81
C ILE A 216 8.28 0.10 8.40
N LEU A 217 7.75 1.25 8.00
CA LEU A 217 8.15 2.55 8.53
C LEU A 217 7.08 3.06 9.49
N PHE A 218 7.51 3.82 10.50
CA PHE A 218 6.61 4.47 11.46
C PHE A 218 6.99 5.95 11.53
N LEU A 219 5.98 6.80 11.73
CA LEU A 219 6.18 8.24 11.93
C LEU A 219 5.60 8.64 13.28
N ASP A 220 6.31 9.46 14.04
CA ASP A 220 5.79 9.90 15.34
C ASP A 220 5.38 11.36 15.34
N GLU A 221 4.82 11.81 16.47
CA GLU A 221 4.30 13.17 16.62
C GLU A 221 5.30 14.28 16.30
N GLU A 222 6.58 14.06 16.62
CA GLU A 222 7.60 15.09 16.38
C GLU A 222 8.21 15.02 14.97
N GLY A 223 7.83 14.00 14.20
CA GLY A 223 8.28 13.90 12.82
C GLY A 223 9.49 12.99 12.63
N MET A 224 9.80 12.18 13.64
CA MET A 224 10.88 11.20 13.53
C MET A 224 10.35 9.96 12.80
N VAL A 225 11.17 9.41 11.91
CA VAL A 225 10.84 8.17 11.19
C VAL A 225 11.61 7.00 11.76
N PHE A 226 10.93 5.88 11.91
CA PHE A 226 11.53 4.64 12.40
C PHE A 226 11.33 3.57 11.36
N ALA A 227 12.28 2.66 11.26
CA ALA A 227 12.18 1.56 10.31
C ALA A 227 12.43 0.23 11.01
N TRP A 228 11.79 -0.83 10.52
CA TRP A 228 11.85 -2.16 11.13
C TRP A 228 11.68 -3.22 10.05
N GLY A 229 12.59 -4.20 10.05
CA GLY A 229 12.47 -5.37 9.17
C GLY A 229 13.74 -5.65 8.39
N ASN A 230 13.59 -6.26 7.22
CA ASN A 230 14.74 -6.51 6.35
C ASN A 230 15.40 -5.22 5.89
N GLY A 231 16.72 -5.24 5.72
CA GLY A 231 17.48 -4.04 5.38
C GLY A 231 18.47 -4.20 4.25
N GLN A 232 18.34 -5.29 3.48
CA GLN A 232 19.32 -5.62 2.43
C GLN A 232 19.37 -4.62 1.28
N GLN A 233 18.32 -3.82 1.14
CA GLN A 233 18.23 -2.81 0.08
C GLN A 233 18.37 -1.38 0.64
N ASN A 234 18.92 -1.25 1.84
CA ASN A 234 19.07 0.04 2.52
C ASN A 234 17.73 0.71 2.87
N GLN A 235 16.67 -0.08 2.96
CA GLN A 235 15.34 0.49 3.22
C GLN A 235 15.21 1.02 4.65
N LEU A 236 16.08 0.55 5.55
CA LEU A 236 16.01 0.96 6.96
C LEU A 236 16.72 2.28 7.22
N GLY A 237 17.30 2.87 6.17
CA GLY A 237 18.01 4.14 6.26
C GLY A 237 19.38 4.05 6.93
N ARG A 238 19.85 2.81 7.11
CA ARG A 238 21.17 2.53 7.68
C ARG A 238 21.65 1.21 7.09
N LYS A 239 22.96 1.08 6.90
CA LYS A 239 23.54 -0.20 6.51
C LYS A 239 23.52 -1.13 7.71
N VAL A 240 23.13 -2.39 7.50
CA VAL A 240 23.14 -3.36 8.60
C VAL A 240 23.98 -4.56 8.20
N MET A 241 25.14 -4.71 8.85
CA MET A 241 26.03 -5.84 8.57
C MET A 241 25.38 -7.15 9.03
N GLU A 242 25.66 -8.24 8.32
CA GLU A 242 25.04 -9.55 8.57
C GLU A 242 24.79 -9.89 10.04
N ARG A 243 25.85 -9.85 10.85
CA ARG A 243 25.73 -10.35 12.22
C ARG A 243 24.92 -9.43 13.15
N PHE A 244 24.54 -8.26 12.66
CA PHE A 244 23.70 -7.32 13.43
C PHE A 244 22.24 -7.27 12.95
N ARG A 245 21.91 -8.11 11.96
CA ARG A 245 20.56 -8.11 11.37
C ARG A 245 19.45 -8.57 12.33
N LEU A 246 19.78 -9.44 13.29
CA LEU A 246 18.79 -9.83 14.27
C LEU A 246 18.91 -9.02 15.57
N LYS A 247 20.15 -8.70 15.96
CA LYS A 247 20.40 -7.88 17.14
C LYS A 247 19.67 -6.54 17.06
N THR A 248 19.50 -6.04 15.83
CA THR A 248 18.90 -4.72 15.62
C THR A 248 17.53 -4.78 14.92
N LEU A 249 16.89 -5.94 14.96
CA LEU A 249 15.57 -6.13 14.32
C LEU A 249 14.45 -5.62 15.23
N ASP A 250 14.39 -4.29 15.35
CA ASP A 250 13.34 -3.57 16.09
C ASP A 250 13.28 -2.14 15.56
N PRO A 251 12.13 -1.45 15.71
CA PRO A 251 12.01 -0.15 15.06
C PRO A 251 13.02 0.86 15.58
N ARG A 252 13.75 1.50 14.66
CA ARG A 252 14.85 2.39 15.00
C ARG A 252 14.89 3.59 14.07
N PRO A 253 15.23 4.78 14.61
CA PRO A 253 15.39 5.94 13.76
C PRO A 253 16.71 5.86 13.00
N PHE A 254 16.92 6.80 12.10
CA PHE A 254 18.10 6.78 11.25
C PHE A 254 18.45 8.20 10.80
N GLY A 255 18.15 9.15 11.68
CA GLY A 255 18.52 10.55 11.47
C GLY A 255 17.60 11.34 10.58
N LEU A 256 16.44 10.78 10.25
CA LEU A 256 15.46 11.47 9.42
C LEU A 256 14.39 12.08 10.31
N ARG A 257 14.31 13.41 10.26
CA ARG A 257 13.50 14.21 11.17
C ARG A 257 12.60 15.18 10.41
N HIS A 258 11.70 15.82 11.16
CA HIS A 258 10.82 16.89 10.63
C HIS A 258 9.87 16.42 9.52
N VAL A 259 9.51 15.15 9.55
CA VAL A 259 8.68 14.54 8.51
C VAL A 259 7.19 14.59 8.88
N LYS A 260 6.33 14.90 7.90
CA LYS A 260 4.89 14.96 8.15
CA LYS A 260 4.88 14.97 8.12
C LYS A 260 4.12 13.83 7.45
N TYR A 261 4.78 13.12 6.53
CA TYR A 261 4.13 12.05 5.80
C TYR A 261 5.15 11.03 5.32
N ILE A 262 4.83 9.76 5.50
CA ILE A 262 5.69 8.68 5.01
C ILE A 262 4.91 7.76 4.06
N ALA A 263 5.62 7.19 3.09
CA ALA A 263 5.04 6.20 2.19
C ALA A 263 6.16 5.26 1.82
N SER A 264 5.81 4.04 1.40
CA SER A 264 6.81 3.04 1.08
C SER A 264 6.39 2.22 -0.13
N GLY A 265 7.36 1.97 -1.02
CA GLY A 265 7.26 0.89 -2.00
C GLY A 265 7.77 -0.39 -1.36
N GLU A 266 8.08 -1.40 -2.18
CA GLU A 266 8.50 -2.68 -1.63
C GLU A 266 9.84 -2.57 -0.89
N ASN A 267 10.83 -2.00 -1.57
CA ASN A 267 12.19 -1.88 -1.03
C ASN A 267 12.75 -0.47 -1.12
N HIS A 268 11.86 0.50 -1.36
CA HIS A 268 12.23 1.91 -1.36
C HIS A 268 11.16 2.72 -0.64
N CYS A 269 11.51 3.93 -0.22
CA CYS A 269 10.69 4.66 0.73
C CYS A 269 10.66 6.15 0.42
N PHE A 270 9.64 6.81 0.95
CA PHE A 270 9.45 8.24 0.77
C PHE A 270 9.13 8.92 2.08
N ALA A 271 9.64 10.14 2.24
CA ALA A 271 9.29 11.00 3.36
C ALA A 271 9.10 12.43 2.86
N LEU A 272 8.02 13.06 3.33
CA LEU A 272 7.75 14.46 3.00
C LEU A 272 7.94 15.28 4.27
N THR A 273 8.77 16.31 4.19
CA THR A 273 9.10 17.10 5.37
C THR A 273 8.07 18.21 5.60
N LYS A 274 8.14 18.81 6.80
CA LYS A 274 7.31 19.96 7.16
C LYS A 274 7.42 21.09 6.16
N ASP A 275 8.60 21.23 5.54
CA ASP A 275 8.87 22.30 4.58
C ASP A 275 8.60 21.91 3.12
N ASN A 276 7.79 20.86 2.94
CA ASN A 276 7.34 20.35 1.62
C ASN A 276 8.45 19.78 0.71
N LYS A 277 9.53 19.30 1.30
CA LYS A 277 10.60 18.66 0.55
C LYS A 277 10.41 17.14 0.62
N LEU A 278 10.38 16.51 -0.55
CA LEU A 278 10.19 15.06 -0.64
C LEU A 278 11.53 14.36 -0.85
N VAL A 279 11.83 13.41 0.04
CA VAL A 279 13.05 12.60 -0.08
C VAL A 279 12.72 11.12 -0.26
N SER A 280 13.63 10.38 -0.89
CA SER A 280 13.51 8.93 -1.02
C SER A 280 14.81 8.22 -0.72
N TRP A 281 14.72 6.93 -0.40
CA TRP A 281 15.89 6.08 -0.19
C TRP A 281 15.55 4.62 -0.47
N GLY A 282 16.58 3.80 -0.59
CA GLY A 282 16.40 2.36 -0.79
C GLY A 282 16.64 1.94 -2.22
N LEU A 283 15.94 0.90 -2.66
CA LEU A 283 16.22 0.27 -3.94
C LEU A 283 15.90 1.22 -5.10
N ASN A 284 16.83 1.34 -6.04
CA ASN A 284 16.70 2.33 -7.12
C ASN A 284 17.18 1.90 -8.50
N GLN A 285 17.15 0.61 -8.81
CA GLN A 285 17.74 0.14 -10.07
C GLN A 285 16.90 0.52 -11.29
N PHE A 286 15.63 0.88 -11.08
CA PHE A 286 14.79 1.40 -12.16
C PHE A 286 14.46 2.89 -12.02
N GLY A 287 15.13 3.58 -11.10
CA GLY A 287 14.89 5.00 -10.88
C GLY A 287 13.57 5.25 -10.17
N GLN A 288 13.05 4.23 -9.48
CA GLN A 288 11.78 4.35 -8.74
C GLN A 288 11.85 5.40 -7.61
N CYS A 289 13.06 5.71 -7.15
CA CYS A 289 13.23 6.76 -6.13
C CYS A 289 13.05 8.17 -6.70
N GLY A 290 13.15 8.30 -8.03
CA GLY A 290 12.91 9.55 -8.74
C GLY A 290 13.94 10.65 -8.47
N VAL A 291 15.18 10.26 -8.18
CA VAL A 291 16.18 11.23 -7.73
C VAL A 291 17.25 11.58 -8.78
N SER A 292 17.37 10.76 -9.81
CA SER A 292 18.49 10.90 -10.75
C SER A 292 18.12 10.36 -12.13
N GLU A 293 18.66 11.00 -13.16
CA GLU A 293 18.46 10.52 -14.53
C GLU A 293 19.26 9.24 -14.77
N ASP A 294 20.30 9.03 -13.95
CA ASP A 294 21.19 7.89 -14.13
C ASP A 294 20.58 6.62 -13.55
N VAL A 295 20.36 5.63 -14.43
CA VAL A 295 19.78 4.35 -14.06
C VAL A 295 20.86 3.27 -14.17
N GLU A 296 21.13 2.62 -13.04
CA GLU A 296 22.24 1.65 -12.96
C GLU A 296 21.82 0.42 -12.17
N ASP A 297 22.23 -0.76 -12.67
CA ASP A 297 21.95 -2.02 -11.99
C ASP A 297 22.46 -2.01 -10.54
N GLY A 298 21.64 -2.54 -9.63
CA GLY A 298 22.01 -2.67 -8.21
C GLY A 298 22.06 -1.36 -7.43
N ALA A 299 21.63 -0.27 -8.05
CA ALA A 299 21.68 1.05 -7.40
C ALA A 299 20.84 1.07 -6.14
N LEU A 300 21.43 1.57 -5.06
CA LEU A 300 20.70 1.86 -3.83
C LEU A 300 20.93 3.31 -3.43
N VAL A 301 19.88 3.94 -2.92
CA VAL A 301 19.99 5.28 -2.38
C VAL A 301 20.14 5.09 -0.87
N THR A 302 21.33 5.43 -0.37
CA THR A 302 21.65 5.19 1.04
C THR A 302 21.11 6.31 1.94
N LYS A 303 21.54 7.53 1.70
CA LYS A 303 20.98 8.66 2.43
C LYS A 303 19.80 9.24 1.67
N PRO A 304 18.71 9.57 2.39
CA PRO A 304 17.53 10.12 1.73
C PRO A 304 17.92 11.29 0.82
N LYS A 305 17.38 11.27 -0.39
CA LYS A 305 17.76 12.23 -1.41
C LYS A 305 16.52 12.94 -1.94
N ARG A 306 16.64 14.24 -2.19
CA ARG A 306 15.51 15.06 -2.63
C ARG A 306 15.06 14.73 -4.06
N LEU A 307 13.76 14.60 -4.26
CA LEU A 307 13.18 14.51 -5.58
C LEU A 307 12.93 15.93 -6.10
N ALA A 308 13.29 16.19 -7.35
CA ALA A 308 12.97 17.48 -7.95
C ALA A 308 11.54 17.46 -8.48
N LEU A 309 10.72 18.36 -7.94
CA LEU A 309 9.35 18.54 -8.42
C LEU A 309 9.09 20.01 -8.64
N PRO A 310 8.36 20.36 -9.72
CA PRO A 310 7.95 21.75 -9.95
C PRO A 310 7.51 22.44 -8.64
N ASP A 311 7.77 23.74 -8.52
CA ASP A 311 7.43 24.49 -7.32
C ASP A 311 5.93 24.54 -7.05
N ASN A 312 5.15 24.41 -8.12
CA ASN A 312 3.68 24.41 -8.05
C ASN A 312 3.07 23.30 -7.18
N VAL A 313 3.70 22.13 -7.18
CA VAL A 313 3.06 20.90 -6.70
C VAL A 313 3.14 20.62 -5.19
N VAL A 314 1.97 20.58 -4.56
CA VAL A 314 1.81 20.18 -3.17
C VAL A 314 1.45 18.69 -3.15
N ILE A 315 2.21 17.91 -2.39
CA ILE A 315 2.03 16.46 -2.32
C ILE A 315 0.83 16.07 -1.47
N ARG A 316 -0.06 15.26 -2.04
CA ARG A 316 -1.21 14.74 -1.30
C ARG A 316 -0.89 13.35 -0.75
N SER A 317 -0.42 12.46 -1.62
CA SER A 317 -0.13 11.09 -1.21
C SER A 317 0.79 10.42 -2.23
N ILE A 318 1.36 9.30 -1.82
CA ILE A 318 2.26 8.55 -2.67
C ILE A 318 1.89 7.07 -2.55
N ALA A 319 1.97 6.35 -3.67
CA ALA A 319 1.86 4.90 -3.65
C ALA A 319 3.03 4.36 -4.45
N ALA A 320 3.58 3.23 -4.04
CA ALA A 320 4.71 2.66 -4.78
C ALA A 320 4.71 1.14 -4.75
N GLY A 321 5.17 0.52 -5.84
CA GLY A 321 5.25 -0.93 -5.94
C GLY A 321 6.66 -1.45 -5.82
N GLU A 322 6.98 -2.53 -6.53
CA GLU A 322 8.35 -3.04 -6.51
C GLU A 322 9.34 -2.10 -7.18
N HIS A 323 8.99 -1.63 -8.38
CA HIS A 323 9.96 -0.88 -9.20
C HIS A 323 9.39 0.40 -9.79
N HIS A 324 8.30 0.90 -9.21
CA HIS A 324 7.71 2.16 -9.67
C HIS A 324 7.11 2.94 -8.52
N SER A 325 6.92 4.23 -8.74
CA SER A 325 6.35 5.10 -7.73
C SER A 325 5.33 6.04 -8.33
N LEU A 326 4.35 6.42 -7.53
CA LEU A 326 3.27 7.30 -8.00
C LEU A 326 3.06 8.42 -7.00
N ILE A 327 3.22 9.66 -7.47
CA ILE A 327 3.14 10.82 -6.59
C ILE A 327 1.92 11.66 -6.98
N LEU A 328 0.98 11.76 -6.05
CA LEU A 328 -0.26 12.49 -6.33
C LEU A 328 -0.26 13.88 -5.69
N SER A 329 -0.53 14.90 -6.51
CA SER A 329 -0.58 16.28 -6.00
C SER A 329 -1.96 16.57 -5.41
N GLN A 330 -2.04 17.63 -4.60
CA GLN A 330 -3.33 18.11 -4.08
C GLN A 330 -4.32 18.51 -5.16
N ASP A 331 -3.83 18.99 -6.31
CA ASP A 331 -4.66 19.36 -7.46
C ASP A 331 -5.14 18.16 -8.26
N GLY A 332 -4.60 16.97 -7.98
CA GLY A 332 -5.03 15.75 -8.65
C GLY A 332 -4.18 15.27 -9.82
N ASP A 333 -2.98 15.85 -9.97
CA ASP A 333 -2.06 15.41 -11.02
C ASP A 333 -1.22 14.26 -10.49
N LEU A 334 -0.87 13.33 -11.38
CA LEU A 334 -0.13 12.15 -10.98
C LEU A 334 1.23 12.12 -11.69
N TYR A 335 2.28 12.01 -10.89
CA TYR A 335 3.65 11.91 -11.39
C TYR A 335 4.14 10.49 -11.16
N SER A 336 4.64 9.85 -12.21
CA SER A 336 5.17 8.51 -12.06
C SER A 336 6.66 8.45 -12.39
N CYS A 337 7.33 7.46 -11.80
CA CYS A 337 8.71 7.15 -12.16
C CYS A 337 9.03 5.69 -11.86
N GLY A 338 10.07 5.18 -12.53
CA GLY A 338 10.48 3.80 -12.38
C GLY A 338 10.29 2.97 -13.64
N ARG A 339 9.98 1.70 -13.43
CA ARG A 339 10.01 0.70 -14.47
C ARG A 339 8.93 0.83 -15.56
N LEU A 340 9.31 0.47 -16.78
CA LEU A 340 8.47 0.59 -17.97
C LEU A 340 8.17 -0.77 -18.63
N ASP A 341 8.92 -1.81 -18.24
CA ASP A 341 8.82 -3.14 -18.87
C ASP A 341 7.41 -3.70 -18.86
N MET A 342 6.68 -3.46 -17.77
CA MET A 342 5.29 -3.94 -17.67
C MET A 342 4.33 -2.76 -17.60
N PHE A 343 4.76 -1.63 -18.21
CA PHE A 343 3.96 -0.40 -18.26
C PHE A 343 3.62 0.14 -16.88
N GLU A 344 4.46 -0.15 -15.88
CA GLU A 344 4.18 0.23 -14.50
C GLU A 344 3.92 1.72 -14.35
N VAL A 345 4.71 2.54 -15.06
CA VAL A 345 4.61 3.99 -14.93
C VAL A 345 3.43 4.63 -15.67
N GLY A 346 2.81 3.87 -16.58
CA GLY A 346 1.56 4.28 -17.23
C GLY A 346 1.70 5.45 -18.19
N ILE A 347 2.88 5.56 -18.81
CA ILE A 347 3.17 6.59 -19.82
C ILE A 347 3.17 5.90 -21.20
N PRO A 348 2.40 6.43 -22.17
CA PRO A 348 2.37 5.75 -23.47
C PRO A 348 3.66 5.99 -24.26
N LYS A 349 4.02 5.03 -25.10
CA LYS A 349 5.27 5.07 -25.88
C LYS A 349 5.52 6.41 -26.59
N ASP A 350 4.50 6.90 -27.31
CA ASP A 350 4.62 8.12 -28.09
C ASP A 350 4.70 9.41 -27.27
N ASN A 351 4.77 9.28 -25.94
CA ASN A 351 4.92 10.44 -25.05
C ASN A 351 6.04 10.26 -24.01
N LEU A 352 6.83 9.21 -24.15
CA LEU A 352 7.99 8.98 -23.28
C LEU A 352 8.96 10.16 -23.39
N PRO A 353 9.38 10.71 -22.24
CA PRO A 353 10.29 11.85 -22.20
C PRO A 353 11.70 11.48 -22.67
N GLU A 354 12.51 12.50 -22.94
CA GLU A 354 13.88 12.30 -23.46
C GLU A 354 14.82 11.67 -22.43
N TYR A 355 14.51 11.81 -21.15
CA TYR A 355 15.32 11.20 -20.09
C TYR A 355 14.92 9.74 -19.79
N THR A 356 14.03 9.18 -20.61
CA THR A 356 13.69 7.75 -20.51
C THR A 356 14.98 6.94 -20.66
N TYR A 357 15.19 6.00 -19.74
CA TYR A 357 16.37 5.13 -19.81
C TYR A 357 16.14 4.00 -20.80
N LYS A 358 17.08 3.89 -21.75
CA LYS A 358 17.12 2.80 -22.72
C LYS A 358 18.37 1.97 -22.46
N ASP A 359 18.25 0.65 -22.52
CA ASP A 359 19.38 -0.24 -22.27
C ASP A 359 20.30 -0.33 -23.50
N VAL A 360 21.34 -1.16 -23.40
CA VAL A 360 22.33 -1.30 -24.46
C VAL A 360 21.70 -1.78 -25.78
N HIS A 361 20.56 -2.44 -25.69
CA HIS A 361 19.84 -2.90 -26.89
C HIS A 361 18.88 -1.86 -27.46
N GLY A 362 18.82 -0.68 -26.83
CA GLY A 362 17.89 0.38 -27.25
C GLY A 362 16.45 0.21 -26.78
N LYS A 363 16.21 -0.68 -25.80
CA LYS A 363 14.86 -0.86 -25.25
C LYS A 363 14.66 0.07 -24.04
N ALA A 364 13.55 0.80 -24.05
CA ALA A 364 13.19 1.71 -22.98
C ALA A 364 12.75 0.90 -21.76
N ARG A 365 13.49 1.01 -20.66
CA ARG A 365 13.25 0.18 -19.47
C ARG A 365 12.69 0.96 -18.29
N ALA A 366 12.94 2.28 -18.26
CA ALA A 366 12.62 3.09 -17.09
C ALA A 366 12.46 4.60 -17.37
N VAL A 367 11.65 5.25 -16.53
CA VAL A 367 11.50 6.71 -16.54
C VAL A 367 11.92 7.18 -15.15
N PRO A 368 13.17 7.65 -15.00
CA PRO A 368 13.75 7.80 -13.68
C PRO A 368 13.48 9.13 -12.95
N LEU A 369 12.79 10.05 -13.60
CA LEU A 369 12.36 11.29 -12.93
C LEU A 369 10.84 11.31 -12.91
N PRO A 370 10.24 11.86 -11.83
CA PRO A 370 8.79 11.96 -11.73
C PRO A 370 8.25 12.69 -12.95
N THR A 371 7.29 12.08 -13.63
CA THR A 371 6.79 12.57 -14.91
C THR A 371 5.26 12.64 -14.84
N LYS A 372 4.71 13.82 -15.12
CA LYS A 372 3.26 14.03 -15.04
C LYS A 372 2.54 13.23 -16.11
N LEU A 373 1.48 12.51 -15.71
CA LEU A 373 0.65 11.78 -16.65
C LEU A 373 -0.33 12.73 -17.33
N ASN A 374 -0.50 12.55 -18.63
CA ASN A 374 -1.40 13.39 -19.42
C ASN A 374 -2.56 12.58 -19.95
N ASN A 375 -3.62 13.27 -20.37
CA ASN A 375 -4.80 12.62 -20.92
C ASN A 375 -5.43 11.64 -19.92
N VAL A 376 -5.49 12.07 -18.66
CA VAL A 376 -6.13 11.32 -17.58
C VAL A 376 -7.03 12.26 -16.80
N PRO A 377 -8.05 11.71 -16.10
CA PRO A 377 -8.79 12.56 -15.17
C PRO A 377 -7.92 12.98 -13.99
N LYS A 378 -8.41 13.96 -13.24
CA LYS A 378 -7.83 14.30 -11.94
C LYS A 378 -8.10 13.17 -10.97
N PHE A 379 -7.07 12.77 -10.20
CA PHE A 379 -7.22 11.68 -9.24
C PHE A 379 -7.25 12.17 -7.81
N LYS A 380 -7.99 11.46 -6.95
CA LYS A 380 -8.05 11.80 -5.54
C LYS A 380 -7.31 10.82 -4.62
N SER A 381 -7.09 9.59 -5.09
CA SER A 381 -6.27 8.61 -4.36
C SER A 381 -5.63 7.63 -5.34
N VAL A 382 -4.57 6.97 -4.89
CA VAL A 382 -3.82 6.05 -5.75
C VAL A 382 -3.30 4.89 -4.90
N ALA A 383 -3.18 3.71 -5.50
CA ALA A 383 -2.58 2.56 -4.85
C ALA A 383 -1.74 1.81 -5.87
N ALA A 384 -0.73 1.10 -5.38
CA ALA A 384 0.18 0.36 -6.25
C ALA A 384 0.47 -1.00 -5.64
N GLY A 385 0.46 -2.03 -6.49
CA GLY A 385 0.88 -3.37 -6.10
C GLY A 385 2.25 -3.60 -6.74
N SER A 386 2.67 -4.86 -6.87
CA SER A 386 4.06 -5.10 -7.30
C SER A 386 4.37 -4.45 -8.65
N HIS A 387 3.50 -4.68 -9.64
CA HIS A 387 3.68 -4.16 -11.00
C HIS A 387 2.40 -3.64 -11.66
N HIS A 388 1.43 -3.28 -10.83
CA HIS A 388 0.20 -2.66 -11.31
C HIS A 388 -0.20 -1.54 -10.37
N SER A 389 -1.16 -0.73 -10.81
CA SER A 389 -1.64 0.37 -10.00
C SER A 389 -3.12 0.56 -10.24
N VAL A 390 -3.77 1.22 -9.29
CA VAL A 390 -5.17 1.61 -9.38
C VAL A 390 -5.28 3.02 -8.80
N ALA A 391 -5.86 3.93 -9.58
CA ALA A 391 -6.13 5.29 -9.10
C ALA A 391 -7.63 5.59 -9.16
N VAL A 392 -8.09 6.48 -8.28
CA VAL A 392 -9.51 6.84 -8.24
C VAL A 392 -9.69 8.27 -8.67
N ALA A 393 -10.46 8.46 -9.74
CA ALA A 393 -10.75 9.80 -10.25
C ALA A 393 -11.58 10.58 -9.25
N GLN A 394 -11.59 11.90 -9.37
CA GLN A 394 -12.38 12.72 -8.44
C GLN A 394 -13.84 12.27 -8.40
N ASN A 395 -14.37 11.80 -9.54
CA ASN A 395 -15.77 11.39 -9.63
C ASN A 395 -16.09 9.96 -9.13
N GLY A 396 -15.09 9.27 -8.59
CA GLY A 396 -15.29 7.95 -7.97
C GLY A 396 -15.22 6.75 -8.90
N ILE A 397 -14.64 6.96 -10.07
CA ILE A 397 -14.42 5.89 -11.03
C ILE A 397 -12.94 5.50 -10.91
N ALA A 398 -12.68 4.20 -10.80
CA ALA A 398 -11.32 3.67 -10.69
C ALA A 398 -10.67 3.42 -12.06
N TYR A 399 -9.35 3.63 -12.11
CA TYR A 399 -8.54 3.49 -13.32
C TYR A 399 -7.32 2.66 -12.99
N SER A 400 -6.99 1.72 -13.86
CA SER A 400 -5.88 0.82 -13.59
C SER A 400 -4.94 0.69 -14.78
N TRP A 401 -3.73 0.22 -14.50
CA TRP A 401 -2.74 0.00 -15.54
C TRP A 401 -1.58 -0.82 -15.00
N GLY A 402 -0.72 -1.29 -15.91
CA GLY A 402 0.45 -2.06 -15.53
C GLY A 402 0.37 -3.50 -15.97
N PHE A 403 1.04 -4.36 -15.22
CA PHE A 403 1.15 -5.78 -15.52
C PHE A 403 -0.23 -6.43 -15.59
N GLY A 404 -0.51 -7.14 -16.68
CA GLY A 404 -1.85 -7.66 -16.94
C GLY A 404 -2.06 -9.15 -16.73
N GLU A 405 -0.97 -9.90 -16.66
CA GLU A 405 -1.04 -11.36 -16.64
C GLU A 405 -1.83 -11.97 -15.46
N THR A 406 -1.87 -11.28 -14.34
CA THR A 406 -2.61 -11.81 -13.18
C THR A 406 -4.00 -11.18 -13.03
N TYR A 407 -4.37 -10.32 -13.98
CA TYR A 407 -5.70 -9.67 -14.04
C TYR A 407 -5.94 -8.72 -12.87
N ALA A 408 -4.86 -8.28 -12.23
CA ALA A 408 -4.93 -7.39 -11.08
C ALA A 408 -5.45 -6.00 -11.48
N VAL A 409 -5.39 -5.69 -12.76
CA VAL A 409 -5.92 -4.42 -13.27
C VAL A 409 -7.45 -4.45 -13.40
N GLY A 410 -8.04 -5.65 -13.38
CA GLY A 410 -9.51 -5.82 -13.45
C GLY A 410 -10.12 -5.31 -14.75
N LEU A 411 -9.43 -5.53 -15.85
CA LEU A 411 -9.89 -5.03 -17.15
C LEU A 411 -10.41 -6.14 -18.06
N GLY A 412 -10.71 -7.30 -17.48
CA GLY A 412 -11.33 -8.40 -18.22
C GLY A 412 -10.37 -9.46 -18.73
N PRO A 413 -10.82 -10.26 -19.72
CA PRO A 413 -10.14 -11.46 -20.21
C PRO A 413 -9.02 -11.17 -21.20
N PHE A 414 -8.07 -10.33 -20.80
CA PHE A 414 -6.92 -9.98 -21.61
C PHE A 414 -5.67 -10.04 -20.73
N GLU A 415 -4.66 -10.80 -21.14
CA GLU A 415 -3.42 -10.93 -20.37
C GLU A 415 -2.42 -9.79 -20.61
N ASP A 416 -2.55 -9.09 -21.72
CA ASP A 416 -1.58 -8.07 -22.11
C ASP A 416 -1.52 -6.93 -21.11
N ASP A 417 -0.33 -6.36 -20.92
CA ASP A 417 -0.16 -5.23 -20.01
C ASP A 417 -0.94 -4.01 -20.50
N THR A 418 -1.43 -3.21 -19.54
CA THR A 418 -2.22 -2.01 -19.84
C THR A 418 -1.32 -0.77 -19.73
N GLU A 419 -1.19 -0.07 -20.86
CA GLU A 419 -0.17 0.98 -21.02
C GLU A 419 -0.42 2.28 -20.26
N VAL A 420 -1.67 2.72 -20.19
CA VAL A 420 -2.03 3.98 -19.56
C VAL A 420 -3.23 3.74 -18.64
N PRO A 421 -3.46 4.65 -17.67
CA PRO A 421 -4.61 4.51 -16.77
C PRO A 421 -5.92 4.32 -17.54
N THR A 422 -6.60 3.21 -17.27
CA THR A 422 -7.76 2.80 -18.04
C THR A 422 -8.94 2.56 -17.12
N ARG A 423 -10.06 3.19 -17.47
CA ARG A 423 -11.30 3.07 -16.70
C ARG A 423 -11.72 1.63 -16.46
N ILE A 424 -12.01 1.30 -15.21
CA ILE A 424 -12.62 0.02 -14.87
C ILE A 424 -14.14 0.21 -14.96
N LYS A 425 -14.73 -0.47 -15.94
CA LYS A 425 -16.19 -0.48 -16.13
C LYS A 425 -16.66 -1.92 -16.07
N ASN A 426 -17.45 -2.26 -15.06
CA ASN A 426 -18.11 -3.55 -14.96
C ASN A 426 -19.41 -3.37 -14.18
N THR A 427 -20.34 -4.29 -14.36
CA THR A 427 -21.66 -4.19 -13.72
C THR A 427 -21.57 -3.92 -12.21
N ALA A 428 -20.72 -4.66 -11.52
CA ALA A 428 -20.63 -4.59 -10.06
C ALA A 428 -20.29 -3.20 -9.51
N THR A 429 -19.51 -2.44 -10.26
CA THR A 429 -18.99 -1.17 -9.74
C THR A 429 -19.30 0.06 -10.58
N GLN A 430 -19.98 -0.12 -11.72
CA GLN A 430 -20.19 0.99 -12.65
C GLN A 430 -20.99 2.15 -12.05
N ASP A 431 -21.83 1.86 -11.07
CA ASP A 431 -22.62 2.91 -10.41
C ASP A 431 -22.19 3.13 -8.96
N HIS A 432 -20.96 2.74 -8.65
CA HIS A 432 -20.40 2.97 -7.32
C HIS A 432 -19.49 4.17 -7.29
N ASN A 433 -19.50 4.83 -6.15
CA ASN A 433 -18.54 5.86 -5.80
C ASN A 433 -17.40 5.13 -5.07
N ILE A 434 -16.28 4.91 -5.77
CA ILE A 434 -15.13 4.21 -5.16
C ILE A 434 -14.42 5.17 -4.20
N ILE A 435 -14.20 4.70 -2.97
CA ILE A 435 -13.67 5.55 -1.91
C ILE A 435 -12.22 5.18 -1.56
N LEU A 436 -11.95 3.87 -1.44
CA LEU A 436 -10.63 3.38 -1.06
C LEU A 436 -10.15 2.33 -2.04
N VAL A 437 -8.84 2.30 -2.30
CA VAL A 437 -8.25 1.25 -3.13
C VAL A 437 -6.94 0.79 -2.51
N GLY A 438 -6.58 -0.46 -2.76
CA GLY A 438 -5.32 -1.04 -2.29
C GLY A 438 -4.92 -2.15 -3.23
N CYS A 439 -3.63 -2.46 -3.28
CA CYS A 439 -3.13 -3.45 -4.24
C CYS A 439 -2.06 -4.31 -3.59
N GLY A 440 -2.00 -5.57 -3.99
CA GLY A 440 -1.00 -6.51 -3.50
C GLY A 440 -0.16 -7.03 -4.63
N GLY A 441 0.45 -8.20 -4.43
CA GLY A 441 1.35 -8.77 -5.43
C GLY A 441 0.65 -9.06 -6.75
N GLN A 442 -0.52 -9.69 -6.66
CA GLN A 442 -1.22 -10.20 -7.84
C GLN A 442 -2.72 -9.89 -7.84
N PHE A 443 -3.14 -8.92 -7.03
CA PHE A 443 -4.56 -8.67 -6.81
C PHE A 443 -4.80 -7.25 -6.32
N SER A 444 -6.06 -6.82 -6.34
CA SER A 444 -6.45 -5.49 -5.87
C SER A 444 -7.75 -5.57 -5.06
N VAL A 445 -7.97 -4.55 -4.24
CA VAL A 445 -9.17 -4.46 -3.41
C VAL A 445 -9.67 -3.02 -3.47
N SER A 446 -10.99 -2.84 -3.52
CA SER A 446 -11.58 -1.52 -3.44
C SER A 446 -12.76 -1.48 -2.46
N GLY A 447 -13.12 -0.28 -2.05
CA GLY A 447 -14.27 -0.06 -1.22
C GLY A 447 -15.02 1.13 -1.77
N GLY A 448 -16.33 0.97 -1.97
CA GLY A 448 -17.15 2.05 -2.45
C GLY A 448 -18.58 2.01 -1.96
N VAL A 449 -19.34 3.03 -2.31
CA VAL A 449 -20.76 3.09 -1.97
C VAL A 449 -21.58 3.33 -3.24
N LYS A 450 -22.75 2.71 -3.30
CA LYS A 450 -23.66 2.92 -4.43
C LYS A 450 -24.03 4.39 -4.54
N LEU A 451 -23.98 4.93 -5.76
CA LEU A 451 -24.54 6.24 -6.01
C LEU A 451 -26.06 6.09 -6.07
N SER A 452 -26.78 7.14 -5.72
CA SER A 452 -28.22 7.16 -5.92
C SER A 452 -28.50 7.00 -7.41
N ASP A 453 -29.70 6.56 -7.78
CA ASP A 453 -30.06 6.46 -9.20
C ASP A 453 -29.83 7.78 -9.93
N GLU A 454 -30.16 8.88 -9.25
CA GLU A 454 -30.00 10.23 -9.81
C GLU A 454 -28.52 10.52 -10.10
N ASP A 455 -27.67 10.31 -9.10
CA ASP A 455 -26.25 10.58 -9.24
C ASP A 455 -25.57 9.62 -10.23
N ALA A 456 -25.97 8.35 -10.20
CA ALA A 456 -25.42 7.32 -11.09
C ALA A 456 -25.71 7.65 -12.56
N GLU A 457 -26.95 8.04 -12.83
CA GLU A 457 -27.36 8.41 -14.18
C GLU A 457 -26.62 9.67 -14.65
N LYS A 458 -26.50 10.65 -13.77
CA LYS A 458 -25.77 11.89 -14.07
C LYS A 458 -24.31 11.63 -14.45
N ARG A 459 -23.60 10.86 -13.63
CA ARG A 459 -22.20 10.51 -13.90
C ARG A 459 -22.07 9.70 -15.19
N ALA A 460 -22.91 8.67 -15.35
CA ALA A 460 -22.94 7.88 -16.58
C ALA A 460 -23.14 8.75 -17.83
N ASP A 461 -24.08 9.70 -17.77
CA ASP A 461 -24.32 10.63 -18.88
C ASP A 461 -23.10 11.51 -19.13
N GLU A 462 -22.45 11.97 -18.06
CA GLU A 462 -21.24 12.78 -18.19
C GLU A 462 -20.10 12.02 -18.89
N MET A 463 -19.91 10.76 -18.50
CA MET A 463 -18.83 9.94 -19.03
C MET A 463 -19.07 9.51 -20.48
N ASP A 464 -20.34 9.28 -20.83
CA ASP A 464 -20.72 8.90 -22.19
C ASP A 464 -20.44 10.03 -23.17
N ASP A 465 -20.66 11.27 -22.75
CA ASP A 465 -20.44 12.45 -23.59
C ASP A 465 -18.95 12.77 -23.84
N LEU A 466 -18.06 11.87 -23.42
CA LEU A 466 -16.62 12.01 -23.67
C LEU A 466 -15.89 10.66 -23.81
#